data_3QP1
#
_entry.id   3QP1
#
_cell.length_a   55.543
_cell.length_b   55.973
_cell.length_c   125.223
_cell.angle_alpha   90.00
_cell.angle_beta   90.00
_cell.angle_gamma   90.00
#
_symmetry.space_group_name_H-M   'I 2 2 2'
#
loop_
_entity.id
_entity.type
_entity.pdbx_description
1 polymer 'CviR transcriptional regulator'
2 non-polymer N-[(3S)-2-oxotetrahydrofuran-3-yl]hexanamide
3 water water
#
_entity_poly.entity_id   1
_entity_poly.type   'polypeptide(L)'
_entity_poly.pdbx_seq_one_letter_code
;GSHMRPLPAGLTASQQWTLLEWIHMAGHIETENELKAFLDQVLSQAPSERLLLALGRLNNQNQIQRLERVLNVSYPSDWL
DQYMKENYAQHDPILRIHLGQGPVMWEERFNRAKGAEEKRFIAEATQNGMGSGITFSAASERNNIGSILSIAGREPGRNA
ALVAMLNCLTPHLHQAAIRVAN
;
_entity_poly.pdbx_strand_id   A
#
loop_
_chem_comp.id
_chem_comp.type
_chem_comp.name
_chem_comp.formula
HL6 non-polymer N-[(3S)-2-oxotetrahydrofuran-3-yl]hexanamide 'C10 H17 N O3'
#
# COMPACT_ATOMS: atom_id res chain seq x y z
N MET A 4 -12.62 -10.86 -7.26
CA MET A 4 -13.12 -10.05 -6.10
C MET A 4 -12.80 -10.73 -4.77
N ARG A 5 -11.96 -10.08 -3.99
CA ARG A 5 -11.57 -10.62 -2.69
C ARG A 5 -12.79 -10.64 -1.73
N PRO A 6 -12.91 -11.72 -0.97
CA PRO A 6 -14.05 -11.85 -0.05
C PRO A 6 -14.00 -10.83 1.08
N LEU A 7 -15.17 -10.36 1.49
CA LEU A 7 -15.27 -9.50 2.68
C LEU A 7 -14.87 -10.29 3.92
N PRO A 8 -14.35 -9.58 4.95
CA PRO A 8 -13.82 -10.22 6.16
C PRO A 8 -14.91 -10.85 7.00
N ALA A 9 -14.59 -11.97 7.65
CA ALA A 9 -15.47 -12.48 8.69
C ALA A 9 -15.01 -11.97 10.06
N GLY A 10 -15.94 -11.89 11.00
CA GLY A 10 -15.61 -11.61 12.38
C GLY A 10 -15.47 -10.14 12.76
N LEU A 11 -15.82 -9.24 11.86
CA LEU A 11 -15.84 -7.82 12.20
C LEU A 11 -16.97 -7.51 13.19
N THR A 12 -16.72 -6.61 14.12
CA THR A 12 -17.79 -6.08 14.97
C THR A 12 -18.66 -5.16 14.12
N ALA A 13 -19.87 -4.86 14.57
CA ALA A 13 -20.76 -3.91 13.88
C ALA A 13 -20.09 -2.57 13.62
N SER A 14 -19.24 -2.13 14.55
CA SER A 14 -18.53 -0.87 14.38
C SER A 14 -17.51 -0.96 13.25
N GLN A 15 -16.78 -2.08 13.20
CA GLN A 15 -15.76 -2.30 12.17
C GLN A 15 -16.45 -2.47 10.83
N GLN A 16 -17.57 -3.19 10.81
CA GLN A 16 -18.35 -3.36 9.58
C GLN A 16 -18.82 -2.01 9.06
N TRP A 17 -19.29 -1.16 9.96
CA TRP A 17 -19.73 0.17 9.56
C TRP A 17 -18.57 1.03 9.04
N THR A 18 -17.43 0.98 9.70
CA THR A 18 -16.24 1.68 9.23
C THR A 18 -15.87 1.28 7.79
N LEU A 19 -15.84 -0.03 7.55
CA LEU A 19 -15.51 -0.54 6.22
C LEU A 19 -16.55 -0.09 5.19
N LEU A 20 -17.83 -0.16 5.55
CA LEU A 20 -18.86 0.32 4.67
C LEU A 20 -18.67 1.81 4.35
N GLU A 21 -18.42 2.63 5.39
CA GLU A 21 -18.17 4.06 5.17
C GLU A 21 -16.96 4.25 4.24
N TRP A 22 -15.89 3.50 4.48
CA TRP A 22 -14.68 3.61 3.66
C TRP A 22 -14.95 3.29 2.19
N ILE A 23 -15.63 2.17 1.91
CA ILE A 23 -15.83 1.83 0.51
C ILE A 23 -16.84 2.79 -0.13
N HIS A 24 -17.84 3.22 0.65
CA HIS A 24 -18.79 4.20 0.15
C HIS A 24 -18.06 5.48 -0.21
N MET A 25 -17.21 5.99 0.70
CA MET A 25 -16.48 7.23 0.46
C MET A 25 -15.53 7.06 -0.74
N ALA A 26 -14.87 5.92 -0.80
CA ALA A 26 -13.88 5.70 -1.87
C ALA A 26 -14.55 5.81 -3.24
N GLY A 27 -15.78 5.31 -3.37
CA GLY A 27 -16.46 5.37 -4.65
C GLY A 27 -16.91 6.75 -5.09
N HIS A 28 -16.75 7.73 -4.21
CA HIS A 28 -17.09 9.12 -4.52
C HIS A 28 -15.86 9.99 -4.77
N ILE A 29 -14.68 9.40 -4.65
CA ILE A 29 -13.44 10.15 -4.88
C ILE A 29 -13.21 10.42 -6.35
N GLU A 30 -13.01 11.70 -6.66
CA GLU A 30 -12.82 12.14 -8.04
C GLU A 30 -11.50 12.90 -8.23
N THR A 31 -10.98 13.48 -7.16
CA THR A 31 -9.78 14.32 -7.24
C THR A 31 -8.64 13.87 -6.32
N GLU A 32 -7.42 14.28 -6.65
CA GLU A 32 -6.26 13.98 -5.83
C GLU A 32 -6.42 14.54 -4.42
N ASN A 33 -6.98 15.76 -4.34
CA ASN A 33 -7.33 16.40 -3.08
C ASN A 33 -8.23 15.50 -2.21
N GLU A 34 -9.33 15.03 -2.79
CA GLU A 34 -10.27 14.14 -2.11
C GLU A 34 -9.60 12.82 -1.73
N LEU A 35 -8.74 12.32 -2.61
CA LEU A 35 -8.05 11.07 -2.36
C LEU A 35 -7.09 11.17 -1.16
N LYS A 36 -6.30 12.25 -1.13
CA LYS A 36 -5.43 12.49 0.01
C LYS A 36 -6.22 12.69 1.30
N ALA A 37 -7.29 13.48 1.24
CA ALA A 37 -8.14 13.74 2.40
C ALA A 37 -8.74 12.44 2.94
N PHE A 38 -9.13 11.55 2.03
CA PHE A 38 -9.71 10.29 2.45
C PHE A 38 -8.66 9.39 3.09
N LEU A 39 -7.46 9.35 2.52
CA LEU A 39 -6.40 8.53 3.06
C LEU A 39 -5.94 9.03 4.44
N ASP A 40 -6.02 10.34 4.65
CA ASP A 40 -5.76 10.95 5.95
C ASP A 40 -6.77 10.41 6.98
N GLN A 41 -8.02 10.32 6.57
CA GLN A 41 -9.11 9.76 7.38
C GLN A 41 -8.86 8.28 7.73
N VAL A 42 -8.51 7.47 6.74
CA VAL A 42 -8.20 6.06 6.96
C VAL A 42 -7.01 5.91 7.92
N LEU A 43 -5.97 6.71 7.68
CA LEU A 43 -4.78 6.74 8.51
C LEU A 43 -5.12 6.96 9.98
N SER A 44 -6.08 7.86 10.22
CA SER A 44 -6.53 8.22 11.57
C SER A 44 -7.16 7.05 12.36
N GLN A 45 -7.39 5.92 11.68
CA GLN A 45 -7.96 4.72 12.28
C GLN A 45 -6.99 3.53 12.45
N ALA A 46 -5.73 3.72 12.05
CA ALA A 46 -4.74 2.63 12.05
C ALA A 46 -3.59 2.91 13.01
N PRO A 47 -3.00 1.85 13.62
CA PRO A 47 -1.86 2.02 14.53
C PRO A 47 -0.55 2.19 13.76
N SER A 48 -0.54 3.21 12.91
CA SER A 48 0.63 3.61 12.17
C SER A 48 0.49 5.08 11.90
N GLU A 49 1.60 5.69 11.53
CA GLU A 49 1.55 7.08 11.13
C GLU A 49 2.07 7.24 9.70
N ARG A 50 2.40 6.12 9.03
CA ARG A 50 3.10 6.19 7.74
C ARG A 50 2.42 5.42 6.63
N LEU A 51 1.83 6.16 5.71
CA LEU A 51 1.02 5.56 4.62
C LEU A 51 1.38 6.15 3.27
N LEU A 52 1.39 5.31 2.25
CA LEU A 52 1.66 5.77 0.89
C LEU A 52 0.84 4.93 -0.09
N LEU A 53 0.30 5.58 -1.13
CA LEU A 53 -0.41 4.88 -2.20
C LEU A 53 0.34 5.11 -3.50
N ALA A 54 0.52 4.07 -4.30
CA ALA A 54 1.14 4.23 -5.61
C ALA A 54 0.36 3.53 -6.69
N LEU A 55 0.39 4.11 -7.89
CA LEU A 55 -0.26 3.51 -9.06
C LEU A 55 0.81 3.22 -10.11
N GLY A 56 0.73 2.06 -10.74
CA GLY A 56 1.79 1.64 -11.63
C GLY A 56 1.26 0.87 -12.85
N ARG A 57 1.99 0.99 -13.96
CA ARG A 57 1.75 0.15 -15.12
C ARG A 57 2.45 -1.18 -14.86
N LEU A 58 1.83 -2.28 -15.27
CA LEU A 58 2.32 -3.61 -14.88
C LEU A 58 2.92 -4.39 -16.03
N ASN A 59 3.82 -5.31 -15.69
CA ASN A 59 4.31 -6.27 -16.67
C ASN A 59 3.33 -7.45 -16.77
N ASN A 60 3.69 -8.49 -17.52
CA ASN A 60 2.75 -9.60 -17.71
C ASN A 60 2.57 -10.49 -16.49
N GLN A 61 3.37 -10.24 -15.45
CA GLN A 61 3.26 -10.98 -14.19
C GLN A 61 2.68 -10.08 -13.10
N ASN A 62 2.05 -8.98 -13.49
CA ASN A 62 1.38 -8.08 -12.56
C ASN A 62 2.35 -7.38 -11.59
N GLN A 63 3.61 -7.24 -11.98
CA GLN A 63 4.56 -6.44 -11.22
C GLN A 63 4.64 -5.05 -11.81
N ILE A 64 4.87 -4.06 -10.96
CA ILE A 64 5.00 -2.68 -11.44
C ILE A 64 6.24 -2.54 -12.32
N GLN A 65 6.05 -2.06 -13.55
CA GLN A 65 7.19 -1.80 -14.45
C GLN A 65 7.45 -0.31 -14.58
N ARG A 66 6.43 0.50 -14.27
CA ARG A 66 6.56 1.95 -14.31
C ARG A 66 5.63 2.56 -13.29
N LEU A 67 6.14 3.47 -12.45
CA LEU A 67 5.29 4.20 -11.52
C LEU A 67 4.60 5.36 -12.22
N GLU A 68 3.27 5.41 -12.10
CA GLU A 68 2.46 6.44 -12.77
C GLU A 68 2.16 7.60 -11.81
N ARG A 69 1.92 7.26 -10.54
CA ARG A 69 1.55 8.27 -9.53
C ARG A 69 2.01 7.74 -8.18
N VAL A 70 2.66 8.58 -7.39
CA VAL A 70 2.98 8.24 -6.01
C VAL A 70 2.31 9.27 -5.13
N LEU A 71 1.36 8.83 -4.33
CA LEU A 71 0.70 9.74 -3.41
C LEU A 71 1.17 9.49 -2.00
N ASN A 72 2.08 10.34 -1.54
CA ASN A 72 2.59 10.20 -0.20
C ASN A 72 1.58 10.81 0.75
N VAL A 73 1.14 10.01 1.71
CA VAL A 73 0.24 10.55 2.70
C VAL A 73 1.02 10.96 3.93
N SER A 74 1.90 10.08 4.42
CA SER A 74 2.65 10.35 5.66
C SER A 74 3.99 9.61 5.81
N TYR A 75 4.56 9.12 4.70
CA TYR A 75 5.98 8.73 4.75
C TYR A 75 6.79 9.99 5.03
N PRO A 76 7.84 9.85 5.87
CA PRO A 76 8.76 10.97 6.05
C PRO A 76 9.30 11.44 4.72
N SER A 77 9.19 12.74 4.45
CA SER A 77 9.66 13.31 3.18
C SER A 77 11.17 13.05 2.95
N ASP A 78 11.95 13.08 4.03
CA ASP A 78 13.37 12.76 3.94
C ASP A 78 13.62 11.33 3.45
N TRP A 79 12.78 10.38 3.89
CA TRP A 79 12.90 9.00 3.42
C TRP A 79 12.55 8.89 1.93
N LEU A 80 11.44 9.52 1.52
CA LEU A 80 11.06 9.52 0.11
C LEU A 80 12.11 10.17 -0.78
N ASP A 81 12.63 11.31 -0.35
CA ASP A 81 13.74 11.96 -1.05
C ASP A 81 14.92 11.02 -1.25
N GLN A 82 15.35 10.38 -0.17
CA GLN A 82 16.43 9.41 -0.26
C GLN A 82 16.08 8.25 -1.20
N TYR A 83 14.83 7.79 -1.15
CA TYR A 83 14.38 6.65 -1.93
C TYR A 83 14.50 6.96 -3.43
N MET A 84 14.11 8.17 -3.79
CA MET A 84 14.15 8.60 -5.17
C MET A 84 15.58 8.84 -5.62
N LYS A 85 16.30 9.64 -4.81
CA LYS A 85 17.68 10.04 -5.07
C LYS A 85 18.59 8.82 -5.23
N GLU A 86 18.45 7.85 -4.34
CA GLU A 86 19.29 6.65 -4.34
C GLU A 86 18.73 5.54 -5.23
N ASN A 87 17.62 5.79 -5.93
CA ASN A 87 17.02 4.81 -6.87
C ASN A 87 16.67 3.46 -6.21
N TYR A 88 16.08 3.53 -5.02
CA TYR A 88 15.70 2.34 -4.27
C TYR A 88 14.61 1.53 -4.94
N ALA A 89 13.86 2.16 -5.84
CA ALA A 89 12.82 1.45 -6.60
C ALA A 89 13.41 0.20 -7.27
N GLN A 90 14.69 0.27 -7.61
CA GLN A 90 15.33 -0.87 -8.27
C GLN A 90 15.67 -1.99 -7.29
N HIS A 91 15.74 -1.67 -5.99
CA HIS A 91 16.22 -2.62 -4.97
C HIS A 91 15.17 -3.02 -3.92
N ASP A 92 14.06 -2.29 -3.89
CA ASP A 92 13.01 -2.48 -2.87
C ASP A 92 12.18 -3.72 -3.20
N PRO A 93 12.26 -4.77 -2.36
CA PRO A 93 11.51 -6.01 -2.58
C PRO A 93 10.00 -5.75 -2.72
N ILE A 94 9.50 -4.68 -2.11
CA ILE A 94 8.07 -4.37 -2.14
C ILE A 94 7.60 -4.04 -3.56
N LEU A 95 8.47 -3.40 -4.34
CA LEU A 95 8.10 -3.07 -5.72
C LEU A 95 8.18 -4.27 -6.66
N ARG A 96 8.59 -5.43 -6.13
CA ARG A 96 8.62 -6.66 -6.91
C ARG A 96 7.43 -7.60 -6.63
N ILE A 97 6.51 -7.18 -5.76
CA ILE A 97 5.32 -7.97 -5.47
C ILE A 97 4.49 -8.16 -6.75
N HIS A 98 3.88 -9.32 -6.85
CA HIS A 98 2.89 -9.58 -7.89
C HIS A 98 1.56 -9.03 -7.38
N LEU A 99 1.17 -7.88 -7.92
CA LEU A 99 -0.01 -7.18 -7.42
C LEU A 99 -1.26 -8.01 -7.56
N GLY A 100 -2.12 -7.96 -6.54
CA GLY A 100 -3.37 -8.70 -6.55
C GLY A 100 -3.23 -10.10 -5.97
N GLN A 101 -2.05 -10.44 -5.45
CA GLN A 101 -1.78 -11.79 -4.91
C GLN A 101 -1.86 -11.90 -3.38
N GLY A 102 -2.42 -10.88 -2.73
CA GLY A 102 -2.64 -10.88 -1.27
C GLY A 102 -1.71 -9.92 -0.52
N PRO A 103 -2.04 -9.54 0.74
CA PRO A 103 -1.22 -8.60 1.54
C PRO A 103 0.17 -9.17 1.78
N VAL A 104 1.17 -8.32 1.70
CA VAL A 104 2.54 -8.75 1.89
C VAL A 104 3.11 -8.07 3.13
N MET A 105 3.57 -8.90 4.07
CA MET A 105 4.21 -8.42 5.30
C MET A 105 5.68 -8.20 5.01
N TRP A 106 6.16 -7.00 5.33
CA TRP A 106 7.51 -6.63 4.91
C TRP A 106 8.60 -7.48 5.59
N GLU A 107 8.47 -7.68 6.90
CA GLU A 107 9.50 -8.45 7.63
C GLU A 107 9.68 -9.83 7.02
N GLU A 108 8.56 -10.48 6.70
CA GLU A 108 8.57 -11.80 6.06
C GLU A 108 9.25 -11.75 4.68
N ARG A 109 8.89 -10.76 3.87
CA ARG A 109 9.51 -10.61 2.57
C ARG A 109 11.00 -10.23 2.68
N PHE A 110 11.32 -9.36 3.64
CA PHE A 110 12.70 -8.90 3.80
C PHE A 110 13.64 -10.03 4.23
N ASN A 111 13.16 -10.87 5.14
CA ASN A 111 13.95 -12.00 5.65
C ASN A 111 14.39 -12.97 4.56
N ARG A 112 13.66 -12.98 3.45
CA ARG A 112 13.89 -13.88 2.32
C ARG A 112 14.75 -13.29 1.21
N ALA A 113 15.14 -12.02 1.33
CA ALA A 113 15.97 -11.36 0.32
C ALA A 113 17.40 -11.93 0.30
N LYS A 114 18.00 -11.95 -0.89
CA LYS A 114 19.30 -12.61 -1.09
C LYS A 114 20.37 -11.72 -1.70
N GLY A 115 19.96 -10.76 -2.51
CA GLY A 115 20.90 -9.87 -3.20
C GLY A 115 21.55 -8.87 -2.28
N ALA A 116 22.80 -8.49 -2.61
CA ALA A 116 23.57 -7.54 -1.79
C ALA A 116 22.93 -6.17 -1.76
N GLU A 117 22.41 -5.73 -2.91
CA GLU A 117 21.77 -4.42 -3.02
C GLU A 117 20.43 -4.42 -2.27
N GLU A 118 19.71 -5.53 -2.33
CA GLU A 118 18.44 -5.70 -1.60
C GLU A 118 18.70 -5.63 -0.10
N LYS A 119 19.74 -6.32 0.36
CA LYS A 119 20.09 -6.32 1.78
C LYS A 119 20.50 -4.92 2.25
N ARG A 120 21.26 -4.22 1.40
CA ARG A 120 21.63 -2.83 1.64
C ARG A 120 20.39 -1.95 1.83
N PHE A 121 19.45 -2.05 0.89
CA PHE A 121 18.20 -1.32 1.00
C PHE A 121 17.44 -1.65 2.29
N ILE A 122 17.34 -2.94 2.59
CA ILE A 122 16.64 -3.38 3.82
C ILE A 122 17.28 -2.78 5.08
N ALA A 123 18.60 -2.79 5.12
CA ALA A 123 19.33 -2.22 6.26
C ALA A 123 19.02 -0.72 6.41
N GLU A 124 19.02 -0.02 5.28
CA GLU A 124 18.71 1.40 5.26
C GLU A 124 17.24 1.68 5.63
N ALA A 125 16.32 0.90 5.06
CA ALA A 125 14.92 1.07 5.39
C ALA A 125 14.72 0.89 6.89
N THR A 126 15.35 -0.16 7.42
CA THR A 126 15.30 -0.47 8.85
C THR A 126 15.75 0.70 9.74
N GLN A 127 16.86 1.33 9.40
CA GLN A 127 17.36 2.50 10.14
C GLN A 127 16.40 3.68 10.08
N ASN A 128 15.59 3.73 9.03
CA ASN A 128 14.64 4.82 8.87
C ASN A 128 13.22 4.51 9.34
N GLY A 129 13.08 3.45 10.12
CA GLY A 129 11.81 3.08 10.74
C GLY A 129 10.86 2.41 9.77
N MET A 130 11.42 1.87 8.69
CA MET A 130 10.66 1.24 7.60
C MET A 130 10.97 -0.26 7.47
N GLY A 131 11.42 -0.88 8.54
CA GLY A 131 11.78 -2.30 8.50
C GLY A 131 10.57 -3.21 8.61
N SER A 132 9.46 -2.66 9.09
CA SER A 132 8.24 -3.43 9.29
C SER A 132 7.07 -2.71 8.64
N GLY A 133 6.13 -3.48 8.10
CA GLY A 133 4.92 -2.90 7.54
C GLY A 133 4.20 -3.91 6.69
N ILE A 134 3.24 -3.40 5.91
CA ILE A 134 2.39 -4.25 5.10
C ILE A 134 2.05 -3.51 3.82
N THR A 135 1.97 -4.24 2.71
CA THR A 135 1.53 -3.66 1.44
C THR A 135 0.37 -4.46 0.87
N PHE A 136 -0.73 -3.76 0.62
CA PHE A 136 -1.93 -4.29 -0.03
C PHE A 136 -1.85 -3.91 -1.49
N SER A 137 -2.53 -4.66 -2.34
CA SER A 137 -2.46 -4.37 -3.77
C SER A 137 -3.71 -4.80 -4.53
N ALA A 138 -3.89 -4.18 -5.67
CA ALA A 138 -4.98 -4.54 -6.59
C ALA A 138 -4.48 -4.32 -8.00
N ALA A 139 -4.98 -5.11 -8.95
CA ALA A 139 -4.59 -4.92 -10.35
C ALA A 139 -5.80 -5.02 -11.27
N SER A 140 -5.76 -4.25 -12.35
CA SER A 140 -6.77 -4.24 -13.43
C SER A 140 -6.07 -4.63 -14.71
N GLU A 141 -6.42 -5.78 -15.30
CA GLU A 141 -5.80 -6.11 -16.58
C GLU A 141 -6.51 -5.46 -17.78
N ARG A 142 -7.56 -4.68 -17.51
CA ARG A 142 -8.20 -3.84 -18.52
C ARG A 142 -7.12 -3.05 -19.25
N ASN A 143 -6.20 -2.47 -18.47
CA ASN A 143 -5.02 -1.84 -19.05
C ASN A 143 -3.77 -2.01 -18.21
N ASN A 144 -3.53 -3.22 -17.73
CA ASN A 144 -2.32 -3.56 -16.96
C ASN A 144 -1.94 -2.42 -16.05
N ILE A 145 -2.86 -2.10 -15.15
CA ILE A 145 -2.59 -1.06 -14.18
C ILE A 145 -2.89 -1.60 -12.79
N GLY A 146 -2.04 -1.26 -11.83
CA GLY A 146 -2.30 -1.70 -10.47
C GLY A 146 -1.93 -0.66 -9.42
N SER A 147 -2.42 -0.86 -8.21
CA SER A 147 -2.09 0.03 -7.10
C SER A 147 -1.55 -0.74 -5.92
N ILE A 148 -0.67 -0.08 -5.18
CA ILE A 148 -0.23 -0.60 -3.90
C ILE A 148 -0.60 0.41 -2.81
N LEU A 149 -1.01 -0.12 -1.65
CA LEU A 149 -1.21 0.71 -0.45
C LEU A 149 -0.26 0.18 0.58
N SER A 150 0.69 1.01 0.99
CA SER A 150 1.70 0.61 1.97
C SER A 150 1.48 1.31 3.28
N ILE A 151 1.59 0.56 4.37
CA ILE A 151 1.51 1.13 5.70
C ILE A 151 2.69 0.60 6.52
N ALA A 152 3.48 1.51 7.08
CA ALA A 152 4.68 1.11 7.81
C ALA A 152 4.39 1.02 9.30
N GLY A 153 5.04 0.06 9.94
CA GLY A 153 4.88 -0.20 11.37
C GLY A 153 4.61 -1.68 11.64
N ARG A 154 4.70 -2.08 12.91
CA ARG A 154 4.43 -3.47 13.31
C ARG A 154 3.01 -3.72 13.78
N GLU A 155 2.37 -2.68 14.29
CA GLU A 155 1.07 -2.81 14.90
C GLU A 155 -0.07 -3.13 13.90
N PRO A 156 -0.07 -2.51 12.69
CA PRO A 156 -1.16 -2.82 11.76
C PRO A 156 -1.28 -4.32 11.46
N GLY A 157 -0.14 -4.96 11.20
CA GLY A 157 -0.10 -6.38 10.83
C GLY A 157 -0.62 -7.31 11.90
N ARG A 158 -0.62 -6.83 13.15
CA ARG A 158 -1.03 -7.61 14.32
C ARG A 158 -2.52 -7.45 14.61
N ASN A 159 -3.18 -6.58 13.87
CA ASN A 159 -4.60 -6.33 14.01
C ASN A 159 -5.30 -6.98 12.82
N ALA A 160 -5.71 -8.23 12.99
CA ALA A 160 -6.23 -9.04 11.90
C ALA A 160 -7.43 -8.37 11.24
N ALA A 161 -8.28 -7.73 12.04
CA ALA A 161 -9.48 -7.06 11.51
C ALA A 161 -9.10 -5.88 10.62
N LEU A 162 -8.13 -5.08 11.07
CA LEU A 162 -7.71 -3.91 10.32
C LEU A 162 -7.08 -4.34 9.01
N VAL A 163 -6.22 -5.36 9.07
CA VAL A 163 -5.61 -5.90 7.86
C VAL A 163 -6.69 -6.27 6.85
N ALA A 164 -7.71 -6.97 7.32
CA ALA A 164 -8.77 -7.48 6.45
C ALA A 164 -9.56 -6.33 5.86
N MET A 165 -9.84 -5.33 6.69
CA MET A 165 -10.55 -4.11 6.27
C MET A 165 -9.79 -3.32 5.20
N LEU A 166 -8.53 -3.00 5.49
CA LEU A 166 -7.68 -2.34 4.50
C LEU A 166 -7.51 -3.14 3.23
N ASN A 167 -7.36 -4.45 3.34
CA ASN A 167 -7.25 -5.29 2.16
C ASN A 167 -8.49 -5.15 1.27
N CYS A 168 -9.66 -5.18 1.89
CA CYS A 168 -10.89 -5.05 1.14
C CYS A 168 -11.10 -3.66 0.57
N LEU A 169 -10.60 -2.66 1.27
CA LEU A 169 -10.67 -1.28 0.76
C LEU A 169 -9.79 -1.07 -0.46
N THR A 170 -8.68 -1.81 -0.56
CA THR A 170 -7.67 -1.56 -1.56
C THR A 170 -8.19 -1.51 -3.03
N PRO A 171 -9.00 -2.50 -3.46
CA PRO A 171 -9.50 -2.44 -4.85
C PRO A 171 -10.30 -1.18 -5.13
N HIS A 172 -10.96 -0.63 -4.11
CA HIS A 172 -11.74 0.59 -4.27
C HIS A 172 -10.86 1.80 -4.30
N LEU A 173 -9.79 1.78 -3.51
CA LEU A 173 -8.77 2.86 -3.63
C LEU A 173 -8.13 2.85 -5.03
N HIS A 174 -7.91 1.65 -5.56
CA HIS A 174 -7.38 1.47 -6.91
C HIS A 174 -8.28 2.11 -7.92
N GLN A 175 -9.57 1.81 -7.86
CA GLN A 175 -10.48 2.43 -8.83
C GLN A 175 -10.47 3.95 -8.68
N ALA A 176 -10.41 4.43 -7.43
CA ALA A 176 -10.37 5.89 -7.19
C ALA A 176 -9.09 6.48 -7.79
N ALA A 177 -7.96 5.83 -7.56
CA ALA A 177 -6.67 6.29 -8.09
C ALA A 177 -6.71 6.37 -9.61
N ILE A 178 -7.32 5.38 -10.27
CA ILE A 178 -7.46 5.42 -11.72
C ILE A 178 -8.27 6.65 -12.11
N ARG A 179 -9.39 6.89 -11.43
CA ARG A 179 -10.20 8.06 -11.75
C ARG A 179 -9.42 9.35 -11.62
N VAL A 180 -8.63 9.47 -10.54
CA VAL A 180 -7.83 10.66 -10.23
C VAL A 180 -6.77 10.89 -11.31
N ALA A 181 -6.05 9.82 -11.67
CA ALA A 181 -5.02 9.89 -12.71
C ALA A 181 -5.63 10.19 -14.08
N HL6 B . 8.34 0.28 0.13
C1 HL6 B . 9.56 1.46 1.88
O1 HL6 B . 9.47 2.60 1.47
C2 HL6 B . 10.46 -0.35 3.07
O2 HL6 B . 10.58 1.05 2.79
C3 HL6 B . 9.56 -0.89 1.95
O3 HL6 B . 6.24 1.05 0.48
C4 HL6 B . 8.69 0.29 1.54
C5 HL6 B . 7.12 0.67 -0.28
C6 HL6 B . 6.92 0.63 -1.76
C7 HL6 B . 6.51 1.98 -2.29
C8 HL6 B . 7.68 2.93 -2.30
C9 HL6 B . 7.49 3.93 -3.44
C10 HL6 B . 8.11 5.25 -3.08
#